data_6T5E
#
_entry.id   6T5E
#
_cell.length_a   124.560
_cell.length_b   124.560
_cell.length_c   124.560
_cell.angle_alpha   90.000
_cell.angle_beta   90.000
_cell.angle_gamma   90.000
#
_symmetry.space_group_name_H-M   'P 21 3'
#
loop_
_entity.id
_entity.type
_entity.pdbx_description
1 polymer 'Hydroxylamine oxidoreductase-like protein'
2 non-polymer 'HEME C'
3 non-polymer 'SULFATE ION'
#
_entity_poly.entity_id   1
_entity_poly.type   'polypeptide(L)'
_entity_poly.pdbx_seq_one_letter_code
;EGPTFQDVASQVFGQAVGPDNDGTLYVFGLTAKYTKPDYVDGRGPYKSFLKFLPSIRWYDPEHYWTNGSQNEGVFKNEEC
VLCHTVQTPTIVKDWKKSAHGNLEMRRGLGVKGKDGKPVEGTVGCDACHGNDHQKLFMPTYKNCGECHPRETSEHRSGGL
GSHTHAYTVNVLEFSWHVGKPAEEVAGCAECHAIVENRCDGCHTRHVFSPAEARKPTACRYCHMGIDHDEWAMYNTSVHG
CLYEAESATMDWSKPSKKGNYRVPTCAYCHMQDGNHNPQQFGTIYSDMGMFQVDRGAPKHKAKRDAWIKKCQDCHSPRFA
ADKLKEMDAGVNLSFTKWREAAAVIVGCFLDGVVDPMPEGSPPDWYGHYTFSLLPGGDPRFYATSNLERLGLEMICYLTG
NVYKAYAHMSMYNQTYGNGSAFEQDRKLVEIKTEAAKLRRFAAIEKKIGLEHKSEGFWQHGEYLDLLPGWIRKPGDVDVE
WFKRTDIPHRANADAGVAPHGH
;
_entity_poly.pdbx_strand_id   A
#
loop_
_chem_comp.id
_chem_comp.type
_chem_comp.name
_chem_comp.formula
HEC non-polymer 'HEME C' 'C34 H34 Fe N4 O4'
SO4 non-polymer 'SULFATE ION' 'O4 S -2'
#
# COMPACT_ATOMS: atom_id res chain seq x y z
N TYR A 34 15.28 5.65 25.86
CA TYR A 34 14.42 4.79 25.01
C TYR A 34 14.36 3.37 25.59
N THR A 35 13.14 2.83 25.64
CA THR A 35 12.92 1.44 26.03
C THR A 35 12.11 0.76 24.92
N LYS A 36 12.43 -0.52 24.67
CA LYS A 36 11.81 -1.27 23.59
C LYS A 36 10.42 -1.73 24.00
N PRO A 37 9.37 -1.42 23.19
CA PRO A 37 8.01 -1.89 23.47
C PRO A 37 7.86 -3.40 23.34
N ASP A 38 6.72 -3.92 23.81
CA ASP A 38 6.41 -5.34 23.77
C ASP A 38 6.28 -5.77 22.32
N TYR A 39 6.99 -6.86 21.95
CA TYR A 39 7.00 -7.35 20.59
C TYR A 39 6.49 -8.79 20.54
N VAL A 40 5.76 -9.11 19.46
CA VAL A 40 5.41 -10.48 19.13
C VAL A 40 6.18 -10.88 17.88
N ASP A 41 6.41 -12.19 17.72
CA ASP A 41 7.29 -12.73 16.70
C ASP A 41 6.68 -12.53 15.31
N GLY A 42 7.57 -12.36 14.32
CA GLY A 42 7.19 -12.15 12.92
C GLY A 42 6.65 -13.42 12.27
N ARG A 43 6.35 -13.34 10.97
CA ARG A 43 5.60 -14.39 10.30
C ARG A 43 6.14 -14.64 8.90
N GLY A 44 6.78 -13.62 8.31
CA GLY A 44 7.29 -13.68 6.95
C GLY A 44 8.54 -14.55 6.83
N PRO A 45 9.33 -14.39 5.74
CA PRO A 45 10.56 -15.17 5.56
C PRO A 45 11.72 -14.69 6.45
N TYR A 46 11.58 -13.48 7.00
CA TYR A 46 12.61 -12.89 7.84
C TYR A 46 12.14 -12.90 9.30
N LYS A 47 11.42 -13.96 9.68
CA LYS A 47 10.68 -14.04 10.94
C LYS A 47 11.63 -14.19 12.12
N SER A 48 12.91 -14.45 11.84
CA SER A 48 13.91 -14.69 12.88
C SER A 48 14.19 -13.40 13.66
N PHE A 49 14.08 -12.25 12.98
CA PHE A 49 14.40 -10.97 13.59
C PHE A 49 13.24 -9.99 13.46
N LEU A 50 12.34 -10.23 12.50
CA LEU A 50 11.19 -9.38 12.29
C LEU A 50 10.23 -9.53 13.46
N LYS A 51 9.71 -8.40 13.95
CA LYS A 51 8.79 -8.37 15.08
C LYS A 51 7.57 -7.54 14.72
N PHE A 52 6.53 -7.64 15.54
CA PHE A 52 5.30 -6.87 15.37
C PHE A 52 4.81 -6.37 16.73
N LEU A 53 4.03 -5.28 16.69
CA LEU A 53 3.34 -4.78 17.87
C LEU A 53 2.12 -5.67 18.12
N PRO A 54 1.68 -5.84 19.40
CA PRO A 54 0.54 -6.71 19.70
C PRO A 54 -0.76 -6.35 18.99
N SER A 55 -0.83 -5.11 18.48
CA SER A 55 -2.03 -4.57 17.86
C SER A 55 -2.32 -5.28 16.53
N ILE A 56 -1.35 -6.07 16.07
CA ILE A 56 -1.41 -6.80 14.81
C ILE A 56 -2.55 -7.82 14.85
N ARG A 57 -3.10 -8.06 16.04
CA ARG A 57 -4.12 -9.07 16.25
C ARG A 57 -5.41 -8.70 15.52
N TRP A 58 -5.63 -7.39 15.33
CA TRP A 58 -6.83 -6.91 14.66
C TRP A 58 -6.62 -6.91 13.14
N TYR A 59 -5.40 -7.23 12.71
CA TYR A 59 -5.02 -7.07 11.31
C TYR A 59 -4.60 -8.40 10.69
N ASP A 60 -4.09 -9.31 11.54
CA ASP A 60 -3.83 -10.68 11.13
C ASP A 60 -4.53 -11.61 12.13
N PRO A 61 -5.89 -11.64 12.15
CA PRO A 61 -6.63 -12.37 13.18
C PRO A 61 -6.41 -13.88 13.10
N GLU A 62 -6.15 -14.38 11.90
CA GLU A 62 -5.92 -15.80 11.67
C GLU A 62 -4.64 -16.24 12.39
N HIS A 63 -3.74 -15.29 12.64
CA HIS A 63 -2.38 -15.62 13.03
C HIS A 63 -2.04 -15.08 14.42
N TYR A 64 -2.71 -14.01 14.84
CA TYR A 64 -2.24 -13.29 16.03
C TYR A 64 -3.38 -13.01 17.02
N TRP A 65 -4.59 -13.47 16.73
CA TRP A 65 -5.74 -13.15 17.58
C TRP A 65 -5.81 -14.10 18.77
N THR A 66 -5.85 -13.51 19.97
CA THR A 66 -6.09 -14.22 21.22
C THR A 66 -7.23 -13.53 21.96
N ASN A 67 -7.92 -14.27 22.83
CA ASN A 67 -9.05 -13.74 23.58
C ASN A 67 -8.55 -12.78 24.66
N GLY A 68 -9.21 -11.62 24.76
CA GLY A 68 -8.89 -10.63 25.77
C GLY A 68 -10.13 -9.88 26.26
N SER A 69 -11.21 -10.63 26.50
CA SER A 69 -12.47 -10.06 26.94
C SER A 69 -12.76 -10.46 28.40
N GLN A 70 -13.19 -9.47 29.18
CA GLN A 70 -13.54 -9.66 30.59
C GLN A 70 -14.86 -10.44 30.68
N ASN A 71 -15.80 -10.09 29.79
CA ASN A 71 -17.15 -10.62 29.79
C ASN A 71 -17.15 -12.08 29.34
N GLU A 72 -18.06 -12.86 29.93
CA GLU A 72 -18.18 -14.29 29.68
C GLU A 72 -19.64 -14.65 29.41
N GLY A 73 -19.85 -15.84 28.86
CA GLY A 73 -21.19 -16.39 28.65
C GLY A 73 -21.50 -16.62 27.18
N VAL A 74 -22.41 -17.58 26.93
CA VAL A 74 -22.90 -17.88 25.60
C VAL A 74 -24.24 -17.18 25.43
N PHE A 75 -24.36 -16.38 24.36
CA PHE A 75 -25.51 -15.50 24.19
C PHE A 75 -26.13 -15.66 22.80
N LYS A 76 -27.45 -15.41 22.74
CA LYS A 76 -28.19 -15.31 21.49
C LYS A 76 -27.91 -13.94 20.88
N ASN A 77 -28.21 -13.80 19.58
CA ASN A 77 -27.94 -12.59 18.82
C ASN A 77 -28.65 -11.40 19.46
N GLU A 78 -29.88 -11.63 19.95
CA GLU A 78 -30.73 -10.59 20.52
C GLU A 78 -30.10 -10.06 21.82
N GLU A 79 -29.39 -10.94 22.52
CA GLU A 79 -28.71 -10.59 23.75
C GLU A 79 -27.48 -9.75 23.45
N CYS A 80 -26.86 -10.02 22.29
CA CYS A 80 -25.64 -9.33 21.87
C CYS A 80 -25.95 -7.88 21.53
N VAL A 81 -27.09 -7.67 20.85
CA VAL A 81 -27.45 -6.38 20.29
C VAL A 81 -27.76 -5.39 21.41
N LEU A 82 -28.70 -5.78 22.30
CA LEU A 82 -29.28 -4.85 23.25
C LEU A 82 -28.40 -4.71 24.50
N CYS A 83 -27.28 -5.45 24.54
CA CYS A 83 -26.28 -5.24 25.56
C CYS A 83 -25.21 -4.29 25.02
N HIS A 84 -25.00 -4.33 23.70
CA HIS A 84 -24.00 -3.51 23.04
C HIS A 84 -24.59 -2.14 22.67
N THR A 85 -25.92 -2.00 22.78
CA THR A 85 -26.59 -0.75 22.51
C THR A 85 -26.18 0.29 23.57
N VAL A 86 -25.95 -0.20 24.80
CA VAL A 86 -25.56 0.63 25.91
C VAL A 86 -24.05 0.85 25.87
N GLN A 87 -23.31 -0.23 25.57
CA GLN A 87 -21.86 -0.25 25.68
C GLN A 87 -21.22 0.42 24.46
N THR A 88 -21.48 -0.14 23.26
CA THR A 88 -20.92 0.37 22.03
C THR A 88 -22.05 0.70 21.05
N PRO A 89 -22.75 1.84 21.23
CA PRO A 89 -24.01 2.11 20.53
C PRO A 89 -23.92 2.23 19.00
N THR A 90 -22.78 2.73 18.51
CA THR A 90 -22.63 3.06 17.10
C THR A 90 -22.65 1.79 16.25
N ILE A 91 -22.02 0.73 16.75
CA ILE A 91 -21.97 -0.55 16.05
C ILE A 91 -23.40 -1.04 15.81
N VAL A 92 -24.21 -1.00 16.86
CA VAL A 92 -25.59 -1.47 16.84
C VAL A 92 -26.40 -0.61 15.87
N LYS A 93 -26.23 0.72 15.96
CA LYS A 93 -26.94 1.66 15.11
C LYS A 93 -26.59 1.41 13.65
N ASP A 94 -25.32 1.06 13.40
CA ASP A 94 -24.83 0.74 12.07
C ASP A 94 -25.45 -0.57 11.60
N TRP A 95 -25.43 -1.58 12.49
CA TRP A 95 -25.92 -2.92 12.19
C TRP A 95 -27.39 -2.87 11.78
N LYS A 96 -28.13 -1.92 12.37
CA LYS A 96 -29.54 -1.73 12.06
C LYS A 96 -29.69 -0.98 10.73
N LYS A 97 -28.62 -0.31 10.30
CA LYS A 97 -28.59 0.42 9.04
C LYS A 97 -27.98 -0.46 7.94
N SER A 98 -27.69 -1.72 8.29
CA SER A 98 -27.08 -2.66 7.35
C SER A 98 -28.11 -3.70 6.91
N ALA A 99 -27.84 -4.35 5.77
CA ALA A 99 -28.70 -5.37 5.21
C ALA A 99 -28.64 -6.64 6.06
N HIS A 100 -27.50 -6.84 6.72
CA HIS A 100 -27.29 -7.99 7.60
C HIS A 100 -28.27 -7.95 8.77
N GLY A 101 -28.53 -6.74 9.28
CA GLY A 101 -29.34 -6.55 10.47
C GLY A 101 -30.77 -6.11 10.16
N ASN A 102 -30.94 -5.42 9.03
CA ASN A 102 -32.24 -4.89 8.62
C ASN A 102 -32.68 -5.59 7.34
N LEU A 103 -33.75 -6.38 7.44
CA LEU A 103 -34.25 -7.21 6.36
C LEU A 103 -34.96 -6.35 5.32
N GLU A 104 -35.50 -5.21 5.76
CA GLU A 104 -36.19 -4.27 4.90
C GLU A 104 -35.21 -3.65 3.91
N MET A 105 -33.94 -3.55 4.34
CA MET A 105 -32.87 -2.96 3.56
C MET A 105 -32.17 -4.04 2.75
N ARG A 106 -32.95 -4.84 2.01
CA ARG A 106 -32.39 -5.93 1.22
C ARG A 106 -32.91 -5.86 -0.22
N ARG A 107 -32.10 -6.37 -1.14
CA ARG A 107 -32.41 -6.32 -2.57
C ARG A 107 -32.65 -7.73 -3.09
N GLY A 108 -32.81 -8.68 -2.16
CA GLY A 108 -33.04 -10.08 -2.48
C GLY A 108 -31.96 -10.64 -3.41
N LEU A 109 -30.72 -10.65 -2.90
CA LEU A 109 -29.56 -11.09 -3.68
C LEU A 109 -29.63 -12.60 -3.90
N GLY A 110 -30.11 -13.32 -2.89
CA GLY A 110 -30.14 -14.78 -2.92
C GLY A 110 -28.84 -15.39 -2.41
N VAL A 111 -28.33 -14.83 -1.31
CA VAL A 111 -27.10 -15.25 -0.67
C VAL A 111 -27.30 -16.64 -0.08
N LYS A 112 -26.30 -17.52 -0.27
CA LYS A 112 -26.31 -18.86 0.27
C LYS A 112 -25.02 -19.07 1.07
N GLY A 113 -25.15 -19.16 2.40
CA GLY A 113 -24.02 -19.14 3.29
C GLY A 113 -23.64 -20.51 3.85
N LYS A 114 -22.34 -20.83 3.77
CA LYS A 114 -21.71 -22.06 4.24
C LYS A 114 -22.38 -23.30 3.66
N ASP A 115 -23.58 -23.64 4.17
CA ASP A 115 -24.37 -24.73 3.59
C ASP A 115 -25.03 -24.22 2.31
N GLY A 116 -25.60 -25.15 1.53
CA GLY A 116 -26.26 -24.82 0.28
C GLY A 116 -27.46 -23.91 0.48
N LYS A 117 -28.20 -24.13 1.56
CA LYS A 117 -29.46 -23.46 1.86
C LYS A 117 -29.25 -21.95 1.92
N PRO A 118 -30.21 -21.14 1.38
CA PRO A 118 -30.07 -19.68 1.36
C PRO A 118 -30.28 -19.05 2.73
N VAL A 119 -29.84 -17.79 2.86
CA VAL A 119 -29.98 -17.04 4.10
C VAL A 119 -31.17 -16.11 3.98
N GLU A 120 -32.18 -16.33 4.85
CA GLU A 120 -33.40 -15.55 4.85
C GLU A 120 -33.50 -14.74 6.15
N GLY A 121 -32.95 -15.31 7.23
CA GLY A 121 -32.94 -14.66 8.53
C GLY A 121 -31.85 -13.58 8.62
N THR A 122 -31.80 -12.90 9.76
CA THR A 122 -30.87 -11.80 9.98
C THR A 122 -29.48 -12.34 10.28
N VAL A 123 -28.47 -11.74 9.63
CA VAL A 123 -27.08 -12.05 9.89
C VAL A 123 -26.60 -11.17 11.05
N GLY A 124 -26.47 -11.79 12.22
CA GLY A 124 -26.23 -11.06 13.46
C GLY A 124 -24.76 -11.03 13.86
N CYS A 125 -24.52 -10.63 15.11
CA CYS A 125 -23.19 -10.44 15.66
C CYS A 125 -22.51 -11.79 15.88
N ASP A 126 -23.32 -12.79 16.24
CA ASP A 126 -22.83 -14.13 16.54
C ASP A 126 -22.44 -14.86 15.25
N ALA A 127 -23.02 -14.40 14.13
CA ALA A 127 -22.76 -14.98 12.82
C ALA A 127 -21.37 -14.57 12.33
N CYS A 128 -20.89 -13.42 12.82
CA CYS A 128 -19.64 -12.84 12.36
C CYS A 128 -18.54 -13.04 13.40
N HIS A 129 -18.89 -12.97 14.68
CA HIS A 129 -17.90 -12.93 15.76
C HIS A 129 -17.95 -14.21 16.60
N GLY A 130 -19.14 -14.74 16.84
CA GLY A 130 -19.31 -15.96 17.61
C GLY A 130 -20.28 -15.79 18.78
N ASN A 131 -20.56 -16.90 19.47
CA ASN A 131 -21.58 -16.95 20.51
C ASN A 131 -20.96 -16.76 21.89
N ASP A 132 -19.79 -17.41 22.11
CA ASP A 132 -19.10 -17.35 23.39
C ASP A 132 -18.17 -16.14 23.40
N HIS A 133 -18.18 -15.40 24.52
CA HIS A 133 -17.39 -14.19 24.66
C HIS A 133 -15.92 -14.55 24.91
N GLN A 134 -15.69 -15.72 25.52
CA GLN A 134 -14.33 -16.18 25.81
C GLN A 134 -13.73 -16.90 24.61
N LYS A 135 -14.53 -17.04 23.54
CA LYS A 135 -14.09 -17.68 22.32
C LYS A 135 -14.57 -16.87 21.11
N LEU A 136 -14.25 -15.57 21.11
CA LEU A 136 -14.59 -14.68 20.01
C LEU A 136 -13.52 -14.79 18.93
N PHE A 137 -13.96 -14.76 17.66
CA PHE A 137 -13.07 -14.75 16.52
C PHE A 137 -13.31 -13.50 15.68
N MET A 138 -12.23 -12.95 15.14
CA MET A 138 -12.27 -11.73 14.34
C MET A 138 -12.27 -12.12 12.86
N PRO A 139 -13.27 -11.65 12.07
CA PRO A 139 -13.50 -12.14 10.70
C PRO A 139 -12.49 -11.68 9.66
N THR A 140 -12.25 -12.54 8.66
CA THR A 140 -11.38 -12.26 7.53
C THR A 140 -12.17 -12.40 6.23
N TYR A 141 -11.47 -12.66 5.13
CA TYR A 141 -12.11 -12.90 3.84
C TYR A 141 -12.68 -14.33 3.79
N LYS A 142 -12.16 -15.19 4.68
CA LYS A 142 -12.60 -16.57 4.78
C LYS A 142 -13.99 -16.63 5.42
N ASN A 143 -14.20 -15.78 6.42
CA ASN A 143 -15.46 -15.72 7.15
C ASN A 143 -16.55 -15.13 6.26
N CYS A 144 -16.17 -14.17 5.41
CA CYS A 144 -17.07 -13.53 4.47
C CYS A 144 -17.35 -14.46 3.29
N GLY A 145 -16.38 -15.34 3.00
CA GLY A 145 -16.41 -16.21 1.84
C GLY A 145 -17.49 -17.28 1.93
N GLU A 146 -18.00 -17.50 3.15
CA GLU A 146 -19.05 -18.48 3.40
C GLU A 146 -20.33 -18.03 2.72
N CYS A 147 -20.63 -16.72 2.82
CA CYS A 147 -21.86 -16.15 2.31
C CYS A 147 -21.64 -15.54 0.93
N HIS A 148 -20.50 -14.86 0.75
CA HIS A 148 -20.20 -14.18 -0.51
C HIS A 148 -19.00 -14.86 -1.19
N PRO A 149 -19.24 -15.87 -2.06
CA PRO A 149 -18.15 -16.61 -2.72
C PRO A 149 -17.47 -15.84 -3.85
N ARG A 150 -18.27 -15.10 -4.64
CA ARG A 150 -17.80 -14.43 -5.85
C ARG A 150 -16.82 -13.32 -5.48
N GLU A 151 -17.21 -12.50 -4.50
CA GLU A 151 -16.46 -11.32 -4.11
C GLU A 151 -15.14 -11.72 -3.45
N THR A 152 -15.10 -12.94 -2.91
CA THR A 152 -13.90 -13.47 -2.27
C THR A 152 -12.99 -14.10 -3.34
N SER A 153 -13.60 -14.81 -4.29
CA SER A 153 -12.88 -15.48 -5.37
C SER A 153 -12.15 -14.44 -6.22
N GLU A 154 -12.86 -13.34 -6.53
CA GLU A 154 -12.31 -12.26 -7.33
C GLU A 154 -11.21 -11.54 -6.56
N HIS A 155 -11.33 -11.53 -5.22
CA HIS A 155 -10.38 -10.87 -4.36
C HIS A 155 -9.06 -11.63 -4.32
N ARG A 156 -9.13 -12.95 -4.53
CA ARG A 156 -7.98 -13.82 -4.41
C ARG A 156 -7.35 -14.08 -5.78
N SER A 157 -7.93 -13.47 -6.83
CA SER A 157 -7.53 -13.74 -8.20
C SER A 157 -6.37 -12.86 -8.62
N GLY A 158 -6.13 -11.77 -7.89
CA GLY A 158 -5.12 -10.78 -8.22
C GLY A 158 -3.70 -11.28 -7.94
N GLY A 159 -2.73 -10.68 -8.64
CA GLY A 159 -1.33 -11.06 -8.52
C GLY A 159 -0.52 -10.06 -7.69
N LEU A 160 0.76 -9.93 -8.04
CA LEU A 160 1.70 -9.09 -7.31
C LEU A 160 1.36 -7.62 -7.53
N GLY A 161 1.28 -6.86 -6.43
CA GLY A 161 1.07 -5.42 -6.48
C GLY A 161 -0.39 -5.03 -6.23
N SER A 162 -1.29 -6.02 -6.28
CA SER A 162 -2.71 -5.80 -6.08
C SER A 162 -3.06 -5.97 -4.60
N HIS A 163 -4.36 -5.89 -4.29
CA HIS A 163 -4.88 -5.99 -2.94
C HIS A 163 -4.65 -7.38 -2.37
N THR A 164 -4.47 -8.37 -3.26
CA THR A 164 -4.43 -9.78 -2.90
C THR A 164 -3.18 -10.10 -2.08
N HIS A 165 -2.05 -9.46 -2.42
CA HIS A 165 -0.76 -9.82 -1.86
C HIS A 165 -0.07 -8.59 -1.27
N ALA A 166 -0.83 -7.81 -0.49
CA ALA A 166 -0.34 -6.55 0.04
C ALA A 166 0.35 -6.76 1.39
N TYR A 167 -0.15 -7.72 2.17
CA TYR A 167 0.38 -7.97 3.50
C TYR A 167 1.33 -9.16 3.48
N THR A 168 0.93 -10.23 2.77
CA THR A 168 1.68 -11.47 2.75
C THR A 168 3.03 -11.26 2.05
N VAL A 169 3.04 -10.39 1.02
CA VAL A 169 4.21 -10.22 0.18
C VAL A 169 4.78 -8.81 0.35
N ASN A 170 3.91 -7.80 0.26
CA ASN A 170 4.35 -6.42 0.17
C ASN A 170 4.52 -5.80 1.56
N VAL A 171 4.60 -6.65 2.59
CA VAL A 171 4.91 -6.20 3.94
C VAL A 171 6.01 -7.10 4.51
N LEU A 172 5.81 -8.41 4.40
CA LEU A 172 6.67 -9.41 5.03
C LEU A 172 7.96 -9.58 4.24
N GLU A 173 7.94 -9.17 2.97
CA GLU A 173 9.09 -9.31 2.10
C GLU A 173 9.63 -7.93 1.69
N PHE A 174 8.89 -6.87 2.09
CA PHE A 174 9.22 -5.51 1.68
C PHE A 174 10.42 -4.99 2.47
N SER A 175 11.22 -4.14 1.80
CA SER A 175 12.53 -3.73 2.27
C SER A 175 12.43 -2.73 3.43
N TRP A 176 11.58 -1.71 3.27
CA TRP A 176 11.50 -0.62 4.25
C TRP A 176 10.76 -1.06 5.51
N HIS A 177 9.95 -2.11 5.40
CA HIS A 177 9.17 -2.59 6.53
C HIS A 177 10.05 -3.46 7.43
N VAL A 178 10.77 -4.39 6.81
CA VAL A 178 11.62 -5.35 7.52
C VAL A 178 12.89 -4.64 7.98
N GLY A 179 13.26 -3.57 7.28
CA GLY A 179 14.48 -2.83 7.56
C GLY A 179 14.31 -1.75 8.62
N LYS A 180 13.14 -1.74 9.28
CA LYS A 180 12.83 -0.74 10.29
C LYS A 180 12.14 -1.42 11.49
N PRO A 181 12.28 -0.86 12.71
CA PRO A 181 11.57 -1.37 13.89
C PRO A 181 10.05 -1.31 13.72
N ALA A 182 9.35 -2.17 14.45
CA ALA A 182 7.95 -2.48 14.20
C ALA A 182 7.03 -1.29 14.48
N GLU A 183 7.36 -0.50 15.51
CA GLU A 183 6.50 0.57 15.96
C GLU A 183 6.53 1.75 14.98
N GLU A 184 7.60 1.82 14.18
CA GLU A 184 7.77 2.87 13.18
C GLU A 184 6.90 2.53 11.96
N VAL A 185 6.92 1.24 11.57
CA VAL A 185 6.21 0.78 10.39
C VAL A 185 4.94 0.05 10.81
N ALA A 186 4.34 0.50 11.91
CA ALA A 186 3.10 -0.07 12.42
C ALA A 186 1.98 0.17 11.42
N GLY A 187 1.85 1.42 10.96
CA GLY A 187 0.83 1.83 10.01
C GLY A 187 0.98 1.15 8.65
N CYS A 188 2.22 0.78 8.32
CA CYS A 188 2.55 0.08 7.08
C CYS A 188 1.90 -1.29 7.08
N ALA A 189 2.00 -1.99 8.21
CA ALA A 189 1.44 -3.32 8.38
C ALA A 189 -0.08 -3.25 8.41
N GLU A 190 -0.60 -2.19 9.06
CA GLU A 190 -2.03 -2.02 9.28
C GLU A 190 -2.73 -1.72 7.96
N CYS A 191 -2.20 -0.76 7.21
CA CYS A 191 -2.82 -0.24 6.00
C CYS A 191 -2.89 -1.33 4.93
N HIS A 192 -1.78 -2.07 4.76
CA HIS A 192 -1.64 -3.06 3.72
C HIS A 192 -2.44 -4.33 4.06
N ALA A 193 -2.82 -4.48 5.33
CA ALA A 193 -3.45 -5.70 5.82
C ALA A 193 -4.97 -5.58 5.83
N ILE A 194 -5.48 -4.35 5.91
CA ILE A 194 -6.91 -4.09 5.96
C ILE A 194 -7.57 -4.59 4.67
N VAL A 195 -6.91 -4.33 3.54
CA VAL A 195 -7.50 -4.60 2.24
C VAL A 195 -7.32 -6.07 1.86
N GLU A 196 -6.25 -6.70 2.38
CA GLU A 196 -5.97 -8.09 2.03
C GLU A 196 -6.79 -9.04 2.90
N ASN A 197 -6.57 -8.97 4.21
CA ASN A 197 -7.11 -9.95 5.14
C ASN A 197 -8.61 -9.75 5.33
N ARG A 198 -9.00 -8.56 5.80
CA ARG A 198 -10.43 -8.31 6.05
C ARG A 198 -11.07 -7.64 4.84
N CYS A 199 -12.35 -7.30 4.99
CA CYS A 199 -13.21 -6.91 3.88
C CYS A 199 -13.78 -5.52 4.09
N ASP A 200 -13.48 -4.92 5.24
CA ASP A 200 -14.06 -3.63 5.60
C ASP A 200 -13.13 -2.50 5.18
N GLY A 201 -12.52 -2.66 3.99
CA GLY A 201 -11.62 -1.65 3.45
C GLY A 201 -12.39 -0.49 2.81
N CYS A 202 -13.16 -0.83 1.77
CA CYS A 202 -13.98 0.14 1.06
C CYS A 202 -15.37 0.19 1.70
N HIS A 203 -15.69 -0.86 2.48
CA HIS A 203 -16.92 -0.95 3.24
C HIS A 203 -16.65 -0.51 4.68
N THR A 204 -17.30 0.59 5.09
CA THR A 204 -17.17 1.15 6.43
C THR A 204 -16.65 0.11 7.41
N ARG A 205 -17.57 -0.69 7.97
CA ARG A 205 -17.30 -1.71 8.97
C ARG A 205 -18.59 -2.38 9.41
N HIS A 206 -19.57 -1.57 9.85
CA HIS A 206 -20.78 -2.13 10.41
C HIS A 206 -22.01 -1.62 9.67
N VAL A 207 -21.79 -1.10 8.46
CA VAL A 207 -22.85 -0.66 7.56
C VAL A 207 -22.72 -1.44 6.25
N PHE A 208 -21.48 -1.57 5.77
CA PHE A 208 -21.14 -2.27 4.55
C PHE A 208 -21.99 -1.75 3.38
N SER A 209 -21.91 -0.44 3.14
CA SER A 209 -22.69 0.20 2.10
C SER A 209 -21.87 0.31 0.81
N PRO A 210 -22.35 -0.28 -0.32
CA PRO A 210 -21.67 -0.13 -1.61
C PRO A 210 -21.63 1.31 -2.10
N ALA A 211 -22.63 2.11 -1.70
CA ALA A 211 -22.72 3.51 -2.06
C ALA A 211 -21.56 4.29 -1.44
N GLU A 212 -21.21 3.90 -0.20
CA GLU A 212 -20.09 4.48 0.52
C GLU A 212 -18.78 4.00 -0.11
N ALA A 213 -18.80 2.76 -0.60
CA ALA A 213 -17.62 2.09 -1.14
C ALA A 213 -17.27 2.64 -2.52
N ARG A 214 -18.29 3.14 -3.23
CA ARG A 214 -18.15 3.66 -4.58
C ARG A 214 -17.43 5.01 -4.54
N LYS A 215 -17.56 5.72 -3.41
CA LYS A 215 -17.02 7.05 -3.24
C LYS A 215 -15.50 7.00 -3.17
N PRO A 216 -14.78 8.00 -3.75
CA PRO A 216 -13.32 8.06 -3.69
C PRO A 216 -12.73 8.12 -2.29
N THR A 217 -13.54 8.53 -1.32
CA THR A 217 -13.11 8.66 0.07
C THR A 217 -12.80 7.29 0.65
N ALA A 218 -13.42 6.24 0.09
CA ALA A 218 -13.25 4.89 0.58
C ALA A 218 -11.93 4.30 0.10
N CYS A 219 -11.15 5.09 -0.65
CA CYS A 219 -9.96 4.59 -1.33
C CYS A 219 -8.71 5.40 -0.99
N ARG A 220 -8.90 6.69 -0.68
CA ARG A 220 -7.80 7.65 -0.68
C ARG A 220 -7.04 7.64 0.64
N TYR A 221 -7.62 7.04 1.69
CA TYR A 221 -6.98 7.01 2.98
C TYR A 221 -5.76 6.07 2.93
N CYS A 222 -5.77 5.17 1.94
CA CYS A 222 -4.62 4.32 1.63
C CYS A 222 -3.87 4.90 0.44
N HIS A 223 -4.60 5.22 -0.63
CA HIS A 223 -4.03 5.76 -1.85
C HIS A 223 -3.81 7.27 -1.69
N MET A 224 -2.62 7.63 -1.21
CA MET A 224 -2.27 9.02 -0.96
C MET A 224 -0.82 9.28 -1.40
N ASP A 229 0.88 8.86 -5.12
CA ASP A 229 0.10 10.02 -4.63
C ASP A 229 -1.17 10.15 -5.46
N GLU A 230 -1.98 9.08 -5.46
CA GLU A 230 -3.07 8.88 -6.40
C GLU A 230 -4.18 9.91 -6.19
N TRP A 231 -4.46 10.24 -4.92
CA TRP A 231 -5.56 11.12 -4.58
C TRP A 231 -5.33 12.53 -5.10
N ALA A 232 -4.08 13.02 -4.96
CA ALA A 232 -3.72 14.36 -5.35
C ALA A 232 -3.91 14.57 -6.86
N MET A 233 -3.70 13.50 -7.62
CA MET A 233 -3.82 13.54 -9.07
C MET A 233 -5.31 13.59 -9.45
N TYR A 234 -6.12 12.79 -8.75
CA TYR A 234 -7.55 12.68 -9.02
C TYR A 234 -8.26 13.98 -8.60
N ASN A 235 -7.76 14.59 -7.52
CA ASN A 235 -8.37 15.78 -6.93
C ASN A 235 -8.14 16.98 -7.84
N THR A 236 -6.93 17.10 -8.39
CA THR A 236 -6.51 18.24 -9.19
C THR A 236 -7.01 18.09 -10.63
N SER A 237 -7.55 16.91 -10.95
CA SER A 237 -8.18 16.67 -12.24
C SER A 237 -9.65 17.05 -12.18
N VAL A 238 -10.29 17.20 -13.34
CA VAL A 238 -11.65 17.70 -13.44
C VAL A 238 -12.64 16.60 -13.05
N HIS A 239 -12.17 15.33 -13.11
CA HIS A 239 -12.99 14.20 -12.72
C HIS A 239 -13.29 14.26 -11.22
N GLY A 240 -12.26 14.57 -10.43
CA GLY A 240 -12.39 14.66 -8.98
C GLY A 240 -13.16 15.91 -8.56
N CYS A 241 -13.06 16.96 -9.39
CA CYS A 241 -13.72 18.23 -9.13
C CYS A 241 -15.23 18.07 -9.29
N LEU A 242 -15.64 17.26 -10.27
CA LEU A 242 -17.05 17.02 -10.53
C LEU A 242 -17.65 16.15 -9.44
N TYR A 243 -16.79 15.34 -8.78
CA TYR A 243 -17.23 14.50 -7.67
C TYR A 243 -17.71 15.38 -6.52
N GLU A 244 -16.87 16.33 -6.10
CA GLU A 244 -17.12 17.20 -4.96
C GLU A 244 -18.31 18.11 -5.27
N ALA A 245 -18.55 18.35 -6.56
CA ALA A 245 -19.59 19.27 -7.00
C ALA A 245 -20.95 18.58 -7.01
N GLU A 246 -20.97 17.25 -7.12
CA GLU A 246 -22.20 16.53 -7.43
C GLU A 246 -22.52 15.46 -6.40
N SER A 247 -21.57 15.15 -5.50
CA SER A 247 -21.68 14.01 -4.61
C SER A 247 -22.95 14.09 -3.76
N ALA A 248 -23.36 15.31 -3.39
CA ALA A 248 -24.51 15.54 -2.53
C ALA A 248 -25.81 15.32 -3.29
N THR A 249 -25.76 15.47 -4.62
CA THR A 249 -26.95 15.49 -5.45
C THR A 249 -27.13 14.16 -6.18
N MET A 250 -26.01 13.55 -6.61
CA MET A 250 -26.04 12.40 -7.50
C MET A 250 -26.44 11.13 -6.74
N ASP A 251 -26.99 10.17 -7.49
CA ASP A 251 -27.49 8.92 -6.94
C ASP A 251 -26.34 7.92 -6.83
N TRP A 252 -26.06 7.48 -5.60
CA TRP A 252 -24.94 6.61 -5.31
C TRP A 252 -25.39 5.16 -5.17
N SER A 253 -26.72 4.94 -5.25
CA SER A 253 -27.31 3.64 -4.96
C SER A 253 -27.14 2.68 -6.13
N LYS A 254 -26.94 3.22 -7.34
CA LYS A 254 -26.81 2.43 -8.56
C LYS A 254 -25.40 1.84 -8.64
N PRO A 255 -25.25 0.62 -9.21
CA PRO A 255 -23.92 0.01 -9.40
C PRO A 255 -23.08 0.74 -10.46
N SER A 256 -21.76 0.55 -10.37
CA SER A 256 -20.80 1.22 -11.25
C SER A 256 -20.82 0.59 -12.63
N LYS A 257 -21.81 1.00 -13.44
CA LYS A 257 -22.02 0.40 -14.76
C LYS A 257 -22.18 1.50 -15.81
N LYS A 258 -22.18 1.06 -17.08
CA LYS A 258 -22.25 1.95 -18.24
C LYS A 258 -23.56 2.72 -18.22
N GLY A 259 -23.45 4.06 -18.16
CA GLY A 259 -24.59 4.95 -18.18
C GLY A 259 -24.96 5.45 -16.79
N ASN A 260 -24.74 4.60 -15.78
CA ASN A 260 -25.24 4.80 -14.42
C ASN A 260 -24.68 6.08 -13.81
N TYR A 261 -23.44 6.45 -14.18
CA TYR A 261 -22.76 7.56 -13.55
C TYR A 261 -22.24 8.55 -14.59
N ARG A 262 -22.27 9.84 -14.20
CA ARG A 262 -21.72 10.91 -15.01
C ARG A 262 -20.26 11.13 -14.62
N VAL A 263 -19.99 11.10 -13.30
CA VAL A 263 -18.68 11.37 -12.76
C VAL A 263 -17.98 10.04 -12.48
N PRO A 264 -16.78 9.80 -13.05
CA PRO A 264 -16.00 8.60 -12.75
C PRO A 264 -15.33 8.68 -11.37
N THR A 265 -15.34 7.55 -10.66
CA THR A 265 -14.72 7.45 -9.35
C THR A 265 -13.59 6.42 -9.40
N CYS A 266 -12.99 6.15 -8.24
CA CYS A 266 -11.97 5.12 -8.11
C CYS A 266 -12.57 3.75 -8.43
N ALA A 267 -13.79 3.52 -7.92
CA ALA A 267 -14.47 2.25 -8.04
C ALA A 267 -14.98 2.03 -9.45
N TYR A 268 -15.29 3.12 -10.16
CA TYR A 268 -15.87 3.04 -11.49
C TYR A 268 -14.82 2.58 -12.50
N CYS A 269 -13.60 3.11 -12.37
CA CYS A 269 -12.55 2.91 -13.34
C CYS A 269 -11.87 1.55 -13.16
N HIS A 270 -11.57 1.20 -11.91
CA HIS A 270 -10.73 0.05 -11.63
C HIS A 270 -11.57 -1.20 -11.34
N MET A 271 -12.64 -1.03 -10.55
CA MET A 271 -13.55 -2.11 -10.24
C MET A 271 -14.72 -2.09 -11.22
N GLN A 272 -14.44 -2.56 -12.44
CA GLN A 272 -15.36 -2.44 -13.57
C GLN A 272 -16.56 -3.38 -13.36
N ASP A 273 -17.76 -2.78 -13.35
CA ASP A 273 -19.04 -3.48 -13.29
C ASP A 273 -19.16 -4.26 -11.98
N GLY A 274 -18.45 -3.79 -10.94
CA GLY A 274 -18.54 -4.36 -9.60
C GLY A 274 -17.61 -5.54 -9.39
N ASN A 275 -16.58 -5.66 -10.26
CA ASN A 275 -15.61 -6.74 -10.19
C ASN A 275 -14.62 -6.44 -9.05
N HIS A 276 -14.40 -7.43 -8.19
CA HIS A 276 -13.57 -7.27 -7.01
C HIS A 276 -12.12 -7.67 -7.31
N ASN A 277 -11.64 -7.28 -8.49
CA ASN A 277 -10.24 -7.41 -8.87
C ASN A 277 -9.85 -6.25 -9.78
N PRO A 278 -8.89 -5.39 -9.37
CA PRO A 278 -8.41 -4.30 -10.22
C PRO A 278 -7.61 -4.81 -11.43
N HIS A 300 0.68 -4.81 -25.67
CA HIS A 300 -0.08 -4.01 -24.66
C HIS A 300 -1.36 -3.44 -25.28
N LYS A 301 -1.66 -3.89 -26.51
CA LYS A 301 -2.79 -3.39 -27.26
C LYS A 301 -4.10 -3.87 -26.64
N ALA A 302 -4.07 -5.07 -26.06
CA ALA A 302 -5.24 -5.72 -25.47
C ALA A 302 -5.67 -4.98 -24.21
N LYS A 303 -4.69 -4.48 -23.45
CA LYS A 303 -4.96 -3.81 -22.18
C LYS A 303 -5.26 -2.34 -22.42
N ARG A 304 -4.77 -1.79 -23.53
CA ARG A 304 -4.97 -0.39 -23.86
C ARG A 304 -6.38 -0.18 -24.40
N ASP A 305 -6.81 -1.08 -25.29
CA ASP A 305 -8.13 -1.00 -25.91
C ASP A 305 -9.21 -1.25 -24.86
N ALA A 306 -8.84 -1.96 -23.79
CA ALA A 306 -9.73 -2.24 -22.67
C ALA A 306 -10.03 -0.96 -21.89
N TRP A 307 -9.04 -0.06 -21.84
CA TRP A 307 -9.19 1.22 -21.17
C TRP A 307 -10.00 2.18 -22.03
N ILE A 308 -9.77 2.12 -23.36
CA ILE A 308 -10.42 3.01 -24.30
C ILE A 308 -11.92 2.71 -24.34
N LYS A 309 -12.27 1.42 -24.23
CA LYS A 309 -13.65 0.98 -24.24
C LYS A 309 -14.35 1.45 -22.97
N LYS A 310 -13.62 1.46 -21.85
CA LYS A 310 -14.15 1.90 -20.57
C LYS A 310 -14.32 3.42 -20.57
N CYS A 311 -13.41 4.11 -21.26
CA CYS A 311 -13.46 5.56 -21.39
C CYS A 311 -14.57 5.95 -22.35
N GLN A 312 -14.96 5.02 -23.23
CA GLN A 312 -15.96 5.27 -24.25
C GLN A 312 -17.34 5.35 -23.62
N ASP A 313 -17.41 5.16 -22.30
CA ASP A 313 -18.65 5.28 -21.54
C ASP A 313 -19.11 6.74 -21.54
N CYS A 314 -18.15 7.67 -21.65
CA CYS A 314 -18.45 9.09 -21.56
C CYS A 314 -17.75 9.87 -22.66
N HIS A 315 -16.79 9.23 -23.34
CA HIS A 315 -15.91 9.93 -24.26
C HIS A 315 -15.87 9.27 -25.62
N SER A 316 -15.30 10.00 -26.60
CA SER A 316 -14.95 9.46 -27.90
C SER A 316 -13.72 8.57 -27.75
N PRO A 317 -13.66 7.42 -28.48
CA PRO A 317 -12.51 6.54 -28.44
C PRO A 317 -11.23 7.21 -28.96
N ARG A 318 -11.40 8.18 -29.87
CA ARG A 318 -10.30 8.94 -30.44
C ARG A 318 -9.72 9.85 -29.35
N PHE A 319 -10.60 10.43 -28.53
CA PHE A 319 -10.22 11.28 -27.42
C PHE A 319 -9.53 10.45 -26.35
N ALA A 320 -10.04 9.22 -26.14
CA ALA A 320 -9.50 8.29 -25.16
C ALA A 320 -8.10 7.86 -25.56
N ALA A 321 -7.92 7.59 -26.86
CA ALA A 321 -6.65 7.09 -27.40
C ALA A 321 -5.58 8.19 -27.31
N ASP A 322 -5.99 9.43 -27.57
CA ASP A 322 -5.09 10.58 -27.61
C ASP A 322 -4.56 10.88 -26.22
N LYS A 323 -5.41 10.69 -25.21
CA LYS A 323 -5.08 11.03 -23.82
C LYS A 323 -4.17 9.97 -23.22
N LEU A 324 -4.31 8.72 -23.69
CA LEU A 324 -3.49 7.62 -23.20
C LEU A 324 -2.17 7.60 -23.95
N LYS A 325 -2.13 8.26 -25.13
CA LYS A 325 -0.90 8.44 -25.88
C LYS A 325 -0.07 9.55 -25.25
N GLU A 326 -0.75 10.49 -24.58
CA GLU A 326 -0.10 11.56 -23.85
C GLU A 326 0.66 10.99 -22.66
N MET A 327 0.10 9.93 -22.07
CA MET A 327 0.67 9.26 -20.91
C MET A 327 1.98 8.59 -21.31
N ASP A 328 2.00 8.01 -22.52
CA ASP A 328 3.16 7.29 -23.03
C ASP A 328 4.31 8.26 -23.26
N ALA A 329 3.98 9.41 -23.87
CA ALA A 329 4.97 10.41 -24.25
C ALA A 329 5.49 11.15 -23.02
N GLY A 330 4.60 11.34 -22.04
CA GLY A 330 4.92 12.06 -20.81
C GLY A 330 5.89 11.27 -19.92
N VAL A 331 5.70 9.94 -19.88
CA VAL A 331 6.51 9.06 -19.05
C VAL A 331 7.87 8.86 -19.72
N ASN A 332 7.90 8.87 -21.05
CA ASN A 332 9.10 8.66 -21.83
C ASN A 332 10.12 9.77 -21.56
N LEU A 333 9.64 11.01 -21.41
CA LEU A 333 10.51 12.16 -21.24
C LEU A 333 10.96 12.25 -19.78
N SER A 334 10.16 11.67 -18.88
CA SER A 334 10.49 11.67 -17.45
C SER A 334 11.60 10.67 -17.16
N PHE A 335 11.73 9.67 -18.05
CA PHE A 335 12.73 8.62 -17.90
C PHE A 335 14.13 9.15 -18.25
N THR A 336 14.18 10.10 -19.20
CA THR A 336 15.44 10.69 -19.64
C THR A 336 16.03 11.57 -18.53
N LYS A 337 15.15 12.11 -17.68
CA LYS A 337 15.55 12.91 -16.54
C LYS A 337 16.16 12.01 -15.47
N TRP A 338 15.67 10.77 -15.40
CA TRP A 338 16.20 9.78 -14.47
C TRP A 338 17.54 9.26 -14.96
N ARG A 339 17.66 9.09 -16.29
CA ARG A 339 18.88 8.58 -16.90
C ARG A 339 20.04 9.55 -16.67
N GLU A 340 19.72 10.85 -16.62
CA GLU A 340 20.69 11.89 -16.33
C GLU A 340 21.14 11.78 -14.88
N ALA A 341 20.17 11.59 -13.97
CA ALA A 341 20.42 11.53 -12.54
C ALA A 341 21.23 10.29 -12.19
N ALA A 342 20.84 9.15 -12.78
CA ALA A 342 21.46 7.86 -12.49
C ALA A 342 22.92 7.86 -12.91
N ALA A 343 23.22 8.49 -14.05
CA ALA A 343 24.57 8.56 -14.59
C ALA A 343 25.45 9.40 -13.67
N VAL A 344 24.84 10.38 -12.99
CA VAL A 344 25.56 11.32 -12.14
C VAL A 344 25.89 10.65 -10.80
N ILE A 345 24.89 9.97 -10.22
CA ILE A 345 25.01 9.39 -8.89
C ILE A 345 25.96 8.20 -8.92
N VAL A 346 25.77 7.32 -9.92
CA VAL A 346 26.61 6.14 -10.08
C VAL A 346 28.02 6.60 -10.49
N GLY A 347 28.07 7.67 -11.28
CA GLY A 347 29.33 8.26 -11.73
C GLY A 347 30.20 8.73 -10.57
N CYS A 348 29.56 9.17 -9.48
CA CYS A 348 30.25 9.62 -8.28
C CYS A 348 30.78 8.42 -7.49
N PHE A 349 30.13 7.26 -7.67
CA PHE A 349 30.50 6.04 -6.97
C PHE A 349 31.74 5.42 -7.61
N LEU A 350 31.89 5.61 -8.93
CA LEU A 350 33.04 5.10 -9.66
C LEU A 350 34.31 5.78 -9.15
N ASP A 351 34.22 7.09 -8.92
CA ASP A 351 35.35 7.92 -8.53
C ASP A 351 35.55 7.86 -7.02
N GLY A 352 34.52 7.41 -6.30
CA GLY A 352 34.56 7.23 -4.86
C GLY A 352 34.66 8.57 -4.13
N VAL A 353 33.71 9.47 -4.43
CA VAL A 353 33.70 10.81 -3.87
C VAL A 353 32.47 10.99 -2.98
N VAL A 354 31.66 9.93 -2.89
CA VAL A 354 30.40 9.96 -2.16
C VAL A 354 30.69 9.93 -0.66
N ASP A 355 30.18 10.95 0.05
CA ASP A 355 30.27 11.01 1.50
C ASP A 355 28.89 10.85 2.11
N PRO A 356 28.66 9.81 2.95
CA PRO A 356 29.64 8.75 3.15
C PRO A 356 29.53 7.61 2.15
N MET A 357 30.60 6.80 2.05
CA MET A 357 30.62 5.60 1.23
C MET A 357 29.84 4.50 1.95
N PRO A 358 29.34 3.46 1.22
CA PRO A 358 28.59 2.37 1.84
C PRO A 358 29.22 1.75 3.10
N GLU A 359 30.56 1.77 3.18
CA GLU A 359 31.27 1.23 4.34
C GLU A 359 31.17 2.23 5.51
N GLY A 360 31.19 3.53 5.18
CA GLY A 360 31.08 4.59 6.15
C GLY A 360 29.66 4.73 6.70
N SER A 361 28.69 4.20 5.94
CA SER A 361 27.30 4.14 6.35
C SER A 361 27.07 2.86 7.17
N PRO A 362 25.93 2.76 7.91
CA PRO A 362 25.53 1.49 8.52
C PRO A 362 25.13 0.46 7.46
N PRO A 363 25.25 -0.86 7.74
CA PRO A 363 24.87 -1.89 6.77
C PRO A 363 23.37 -1.90 6.52
N ASP A 364 22.99 -2.25 5.28
CA ASP A 364 21.60 -2.28 4.86
C ASP A 364 20.90 -3.48 5.50
N TRP A 365 19.59 -3.60 5.25
CA TRP A 365 18.75 -4.57 5.92
C TRP A 365 19.13 -6.00 5.54
N TYR A 366 19.76 -6.16 4.37
CA TYR A 366 20.27 -7.45 3.93
C TYR A 366 21.45 -7.86 4.83
N GLY A 367 22.31 -6.88 5.14
CA GLY A 367 23.47 -7.08 5.99
C GLY A 367 24.78 -6.87 5.25
N HIS A 368 24.75 -5.99 4.25
CA HIS A 368 25.90 -5.72 3.40
C HIS A 368 26.19 -4.22 3.36
N TYR A 369 27.43 -3.88 3.00
CA TYR A 369 27.86 -2.50 2.81
C TYR A 369 27.90 -2.20 1.31
N THR A 370 26.70 -2.10 0.72
CA THR A 370 26.56 -1.92 -0.72
C THR A 370 25.89 -0.58 -1.02
N PHE A 371 26.12 -0.08 -2.24
CA PHE A 371 25.49 1.13 -2.76
C PHE A 371 24.00 0.87 -2.94
N SER A 372 23.18 1.87 -2.60
CA SER A 372 21.74 1.74 -2.55
C SER A 372 21.13 1.65 -3.95
N LEU A 373 21.57 2.56 -4.84
CA LEU A 373 21.02 2.65 -6.19
C LEU A 373 21.86 1.80 -7.14
N LEU A 374 22.05 0.53 -6.77
CA LEU A 374 22.85 -0.42 -7.54
C LEU A 374 22.29 -1.82 -7.31
N PRO A 375 22.21 -2.67 -8.36
CA PRO A 375 21.70 -4.04 -8.21
C PRO A 375 22.38 -4.79 -7.07
N GLY A 376 21.55 -5.43 -6.23
CA GLY A 376 22.00 -6.11 -5.03
C GLY A 376 21.70 -5.30 -3.78
N GLY A 377 22.01 -4.00 -3.83
CA GLY A 377 21.77 -3.09 -2.73
C GLY A 377 20.31 -2.67 -2.63
N ASP A 378 19.96 -2.05 -1.49
CA ASP A 378 18.59 -1.65 -1.20
C ASP A 378 18.45 -0.14 -1.36
N PRO A 379 17.66 0.35 -2.34
CA PRO A 379 17.38 1.78 -2.49
C PRO A 379 16.55 2.29 -1.32
N ARG A 380 17.04 3.34 -0.66
CA ARG A 380 16.44 3.84 0.56
C ARG A 380 16.63 5.36 0.67
N PHE A 381 15.87 5.95 1.61
CA PHE A 381 15.91 7.37 1.92
C PHE A 381 16.59 7.58 3.27
N TYR A 382 16.65 6.50 4.06
CA TYR A 382 17.16 6.55 5.41
C TYR A 382 18.53 5.86 5.49
N ALA A 383 19.34 6.28 6.47
CA ALA A 383 20.61 5.68 6.82
C ALA A 383 21.52 5.56 5.59
N THR A 384 21.58 6.64 4.81
CA THR A 384 22.37 6.68 3.59
C THR A 384 22.85 8.11 3.32
N SER A 385 23.65 8.27 2.26
CA SER A 385 24.18 9.57 1.86
C SER A 385 23.07 10.40 1.23
N ASN A 386 23.32 11.72 1.13
CA ASN A 386 22.35 12.68 0.61
C ASN A 386 22.17 12.48 -0.89
N LEU A 387 23.25 12.08 -1.56
CA LEU A 387 23.24 11.86 -3.01
C LEU A 387 22.35 10.66 -3.33
N GLU A 388 22.41 9.64 -2.47
CA GLU A 388 21.66 8.41 -2.64
C GLU A 388 20.20 8.64 -2.28
N ARG A 389 19.96 9.54 -1.32
CA ARG A 389 18.62 9.88 -0.85
C ARG A 389 17.86 10.61 -1.95
N LEU A 390 18.51 11.61 -2.57
CA LEU A 390 17.91 12.44 -3.59
C LEU A 390 17.65 11.60 -4.86
N GLY A 391 18.44 10.54 -5.02
CA GLY A 391 18.29 9.63 -6.15
C GLY A 391 17.04 8.77 -6.00
N LEU A 392 16.85 8.23 -4.80
CA LEU A 392 15.70 7.38 -4.46
C LEU A 392 14.43 8.22 -4.49
N GLU A 393 14.54 9.49 -4.07
CA GLU A 393 13.42 10.40 -4.01
C GLU A 393 12.84 10.62 -5.40
N MET A 394 13.71 10.59 -6.42
CA MET A 394 13.32 10.90 -7.79
C MET A 394 12.65 9.68 -8.44
N ILE A 395 13.25 8.50 -8.25
CA ILE A 395 12.83 7.31 -8.96
C ILE A 395 11.55 6.73 -8.35
N CYS A 396 11.49 6.68 -7.01
CA CYS A 396 10.38 6.05 -6.33
C CYS A 396 9.17 6.96 -6.32
N TYR A 397 9.33 8.16 -5.76
CA TYR A 397 8.23 9.10 -5.58
C TYR A 397 7.90 9.78 -6.91
N LEU A 398 8.88 10.52 -7.45
CA LEU A 398 8.64 11.52 -8.48
C LEU A 398 8.36 10.86 -9.84
N THR A 399 9.11 9.80 -10.17
CA THR A 399 8.95 9.13 -11.46
C THR A 399 7.64 8.33 -11.46
N GLY A 400 7.27 7.81 -10.29
CA GLY A 400 6.04 7.06 -10.11
C GLY A 400 4.81 7.95 -10.12
N ASN A 401 4.96 9.19 -9.62
CA ASN A 401 3.86 10.13 -9.47
C ASN A 401 3.53 10.78 -10.80
N VAL A 402 4.52 10.92 -11.68
CA VAL A 402 4.34 11.48 -13.01
C VAL A 402 3.46 10.52 -13.82
N TYR A 403 3.69 9.21 -13.62
CA TYR A 403 2.90 8.16 -14.25
C TYR A 403 1.44 8.26 -13.78
N LYS A 404 1.26 8.58 -12.50
CA LYS A 404 -0.06 8.68 -11.89
C LYS A 404 -0.77 9.95 -12.35
N ALA A 405 0.03 10.99 -12.63
CA ALA A 405 -0.50 12.31 -13.00
C ALA A 405 -1.07 12.27 -14.41
N TYR A 406 -0.36 11.61 -15.33
CA TYR A 406 -0.75 11.53 -16.73
C TYR A 406 -1.93 10.57 -16.88
N ALA A 407 -2.01 9.56 -16.00
CA ALA A 407 -3.01 8.51 -16.08
C ALA A 407 -4.36 9.02 -15.60
N HIS A 408 -4.34 9.85 -14.55
CA HIS A 408 -5.57 10.33 -13.91
C HIS A 408 -5.97 11.69 -14.47
N MET A 409 -5.28 12.11 -15.55
CA MET A 409 -5.64 13.28 -16.36
C MET A 409 -5.56 14.56 -15.53
N SER A 410 -4.55 14.63 -14.65
CA SER A 410 -4.29 15.82 -13.85
C SER A 410 -3.36 16.75 -14.63
N MET A 411 -3.88 17.92 -14.99
CA MET A 411 -3.14 18.87 -15.82
C MET A 411 -2.08 19.59 -14.99
N TYR A 412 -2.41 19.87 -13.72
CA TYR A 412 -1.53 20.62 -12.83
C TYR A 412 -0.37 19.74 -12.38
N ASN A 413 -0.67 18.51 -11.97
CA ASN A 413 0.30 17.61 -11.38
C ASN A 413 1.18 16.98 -12.46
N GLN A 414 0.84 17.22 -13.73
CA GLN A 414 1.67 16.81 -14.84
C GLN A 414 2.91 17.71 -14.91
N THR A 415 2.76 18.95 -14.44
CA THR A 415 3.80 19.96 -14.59
C THR A 415 4.19 20.56 -13.24
N TYR A 416 3.28 21.36 -12.65
CA TYR A 416 3.62 22.22 -11.53
C TYR A 416 3.46 21.50 -10.19
N GLY A 417 2.76 20.36 -10.20
CA GLY A 417 2.24 19.74 -8.99
C GLY A 417 3.32 19.06 -8.12
N ASN A 418 2.85 18.31 -7.12
CA ASN A 418 3.70 17.59 -6.19
C ASN A 418 4.09 16.25 -6.82
N GLY A 419 5.41 16.04 -6.94
CA GLY A 419 5.94 14.87 -7.63
C GLY A 419 5.66 14.95 -9.12
N SER A 420 6.19 15.99 -9.77
CA SER A 420 5.87 16.32 -11.14
C SER A 420 7.14 16.47 -11.99
N ALA A 421 6.95 16.81 -13.26
CA ALA A 421 8.03 16.93 -14.24
C ALA A 421 8.90 18.14 -13.91
N PHE A 422 8.28 19.20 -13.37
CA PHE A 422 8.98 20.43 -13.01
C PHE A 422 9.76 20.21 -11.72
N GLU A 423 9.23 19.36 -10.85
CA GLU A 423 9.90 18.98 -9.62
C GLU A 423 11.04 18.02 -9.92
N GLN A 424 10.90 17.25 -11.01
CA GLN A 424 11.94 16.36 -11.49
C GLN A 424 13.13 17.18 -11.95
N ASP A 425 12.85 18.36 -12.52
CA ASP A 425 13.88 19.30 -12.95
C ASP A 425 14.57 19.89 -11.72
N ARG A 426 13.77 20.16 -10.67
CA ARG A 426 14.25 20.73 -9.43
C ARG A 426 15.15 19.73 -8.71
N LYS A 427 14.76 18.45 -8.77
CA LYS A 427 15.50 17.39 -8.10
C LYS A 427 16.78 17.08 -8.86
N LEU A 428 16.74 17.28 -10.19
CA LEU A 428 17.89 17.07 -11.06
C LEU A 428 19.00 18.06 -10.70
N VAL A 429 18.61 19.28 -10.35
CA VAL A 429 19.54 20.32 -9.93
C VAL A 429 20.10 19.95 -8.57
N GLU A 430 19.22 19.48 -7.67
CA GLU A 430 19.59 19.10 -6.31
C GLU A 430 20.63 17.99 -6.33
N ILE A 431 20.48 17.04 -7.27
CA ILE A 431 21.38 15.91 -7.41
C ILE A 431 22.72 16.40 -7.96
N LYS A 432 22.66 17.31 -8.95
CA LYS A 432 23.84 17.79 -9.65
C LYS A 432 24.67 18.68 -8.73
N THR A 433 24.00 19.44 -7.85
CA THR A 433 24.69 20.33 -6.93
C THR A 433 25.39 19.53 -5.84
N GLU A 434 24.73 18.44 -5.42
CA GLU A 434 25.29 17.52 -4.43
C GLU A 434 26.53 16.85 -5.02
N ALA A 435 26.43 16.47 -6.30
CA ALA A 435 27.53 15.82 -7.02
C ALA A 435 28.69 16.80 -7.20
N ALA A 436 28.34 18.06 -7.46
CA ALA A 436 29.33 19.12 -7.67
C ALA A 436 30.09 19.38 -6.37
N LYS A 437 29.36 19.30 -5.24
CA LYS A 437 29.91 19.59 -3.93
C LYS A 437 30.95 18.54 -3.56
N LEU A 438 30.62 17.27 -3.80
CA LEU A 438 31.45 16.15 -3.42
C LEU A 438 32.73 16.13 -4.27
N ARG A 439 32.60 16.54 -5.53
CA ARG A 439 33.71 16.48 -6.48
C ARG A 439 34.68 17.64 -6.24
N ARG A 440 34.15 18.77 -5.79
CA ARG A 440 34.98 19.94 -5.49
C ARG A 440 35.79 19.70 -4.22
N PHE A 441 35.15 19.05 -3.23
CA PHE A 441 35.79 18.72 -1.97
C PHE A 441 36.97 17.79 -2.21
N ALA A 442 36.71 16.68 -2.91
CA ALA A 442 37.70 15.65 -3.16
C ALA A 442 38.91 16.23 -3.89
N ALA A 443 38.64 17.12 -4.86
CA ALA A 443 39.68 17.75 -5.66
C ALA A 443 40.62 18.56 -4.78
N ILE A 444 40.04 19.41 -3.91
CA ILE A 444 40.80 20.27 -3.03
C ILE A 444 41.64 19.40 -2.08
N GLU A 445 41.01 18.37 -1.52
CA GLU A 445 41.64 17.49 -0.54
C GLU A 445 42.86 16.81 -1.16
N LYS A 446 42.72 16.37 -2.41
CA LYS A 446 43.75 15.61 -3.10
C LYS A 446 45.01 16.46 -3.27
N LYS A 447 44.80 17.74 -3.62
CA LYS A 447 45.90 18.63 -3.98
C LYS A 447 46.71 19.01 -2.75
N ILE A 448 46.01 19.29 -1.64
CA ILE A 448 46.65 19.77 -0.43
C ILE A 448 47.29 18.60 0.32
N GLY A 449 46.82 17.38 0.04
CA GLY A 449 47.33 16.18 0.67
C GLY A 449 46.65 15.89 2.00
N LEU A 450 45.32 15.72 1.94
CA LEU A 450 44.51 15.41 3.11
C LEU A 450 43.74 14.12 2.85
N GLU A 451 43.79 13.21 3.83
CA GLU A 451 43.05 11.96 3.77
C GLU A 451 41.74 12.12 4.56
N HIS A 452 40.64 12.33 3.83
CA HIS A 452 39.34 12.54 4.44
C HIS A 452 38.67 11.20 4.73
N LYS A 453 38.13 11.07 5.94
CA LYS A 453 37.34 9.92 6.34
C LYS A 453 35.94 10.38 6.71
N SER A 454 34.94 9.56 6.39
CA SER A 454 33.54 9.86 6.65
C SER A 454 33.30 9.98 8.15
N GLU A 455 32.36 10.85 8.52
CA GLU A 455 32.11 11.23 9.90
C GLU A 455 31.46 10.07 10.67
N GLY A 456 31.57 10.12 12.00
CA GLY A 456 31.14 9.05 12.88
C GLY A 456 29.63 8.96 13.02
N PHE A 457 28.95 10.11 12.87
CA PHE A 457 27.51 10.20 13.12
C PHE A 457 26.72 9.56 11.98
N TRP A 458 27.38 9.32 10.84
CA TRP A 458 26.77 8.62 9.72
C TRP A 458 26.55 7.15 10.09
N GLN A 459 27.57 6.55 10.71
CA GLN A 459 27.62 5.11 10.94
C GLN A 459 26.81 4.75 12.18
N HIS A 460 26.99 5.53 13.26
CA HIS A 460 26.41 5.18 14.55
C HIS A 460 25.51 6.30 15.08
N GLY A 461 24.42 5.88 15.74
CA GLY A 461 23.44 6.76 16.34
C GLY A 461 22.40 5.97 17.12
N GLU A 462 21.59 6.67 17.91
CA GLU A 462 20.63 6.04 18.81
C GLU A 462 19.58 5.27 18.01
N TYR A 463 19.15 5.85 16.88
CA TYR A 463 18.19 5.21 16.00
C TYR A 463 18.90 4.20 15.10
N LEU A 464 20.13 4.54 14.69
CA LEU A 464 20.89 3.75 13.74
C LEU A 464 21.27 2.39 14.33
N ASP A 465 21.46 2.36 15.65
CA ASP A 465 21.87 1.13 16.35
C ASP A 465 20.70 0.16 16.43
N LEU A 466 19.47 0.68 16.27
CA LEU A 466 18.26 -0.12 16.43
C LEU A 466 17.92 -0.84 15.12
N LEU A 467 18.66 -0.51 14.05
CA LEU A 467 18.42 -1.08 12.73
C LEU A 467 18.78 -2.56 12.72
N PRO A 468 18.02 -3.42 12.00
CA PRO A 468 18.27 -4.86 11.99
C PRO A 468 19.47 -5.29 11.14
N GLY A 469 20.09 -4.33 10.44
CA GLY A 469 21.20 -4.60 9.55
C GLY A 469 22.43 -5.13 10.28
N TRP A 470 22.54 -4.81 11.58
CA TRP A 470 23.68 -5.18 12.40
C TRP A 470 23.59 -6.64 12.83
N ILE A 471 22.36 -7.17 12.87
CA ILE A 471 22.11 -8.48 13.45
C ILE A 471 21.85 -9.52 12.37
N ARG A 472 22.18 -9.18 11.11
CA ARG A 472 21.97 -10.11 10.01
C ARG A 472 23.12 -11.11 9.95
N LYS A 473 22.78 -12.38 10.16
CA LYS A 473 23.74 -13.48 10.16
C LYS A 473 23.34 -14.49 9.10
N PRO A 474 24.29 -15.24 8.48
CA PRO A 474 23.97 -16.23 7.47
C PRO A 474 23.13 -17.39 8.03
N GLY A 475 21.98 -17.62 7.40
CA GLY A 475 21.09 -18.73 7.75
C GLY A 475 19.88 -18.30 8.56
N ASP A 476 19.45 -17.04 8.36
CA ASP A 476 18.32 -16.48 9.09
C ASP A 476 17.12 -16.33 8.16
N VAL A 477 17.37 -16.46 6.85
CA VAL A 477 16.33 -16.33 5.84
C VAL A 477 15.63 -17.68 5.68
N ASP A 478 14.30 -17.64 5.75
CA ASP A 478 13.46 -18.80 5.45
C ASP A 478 13.11 -18.75 3.96
N VAL A 479 13.90 -19.47 3.15
CA VAL A 479 13.79 -19.40 1.70
C VAL A 479 12.67 -20.33 1.23
N GLU A 480 12.19 -21.21 2.13
CA GLU A 480 11.07 -22.09 1.83
C GLU A 480 9.79 -21.27 1.69
N TRP A 481 9.79 -20.08 2.31
CA TRP A 481 8.72 -19.11 2.13
C TRP A 481 8.76 -18.57 0.71
N PHE A 482 9.99 -18.32 0.21
CA PHE A 482 10.21 -17.75 -1.11
C PHE A 482 9.96 -18.82 -2.19
N LYS A 483 9.98 -20.09 -1.79
CA LYS A 483 9.89 -21.20 -2.74
C LYS A 483 8.42 -21.50 -3.07
N ARG A 484 7.50 -20.84 -2.36
CA ARG A 484 6.06 -21.09 -2.49
C ARG A 484 5.59 -20.75 -3.91
N THR A 485 4.61 -21.52 -4.39
CA THR A 485 4.09 -21.38 -5.74
C THR A 485 2.72 -20.69 -5.71
N ASP A 486 2.08 -20.71 -4.53
CA ASP A 486 0.72 -20.21 -4.39
C ASP A 486 0.70 -18.68 -4.36
N ILE A 487 1.83 -18.08 -3.95
CA ILE A 487 1.93 -16.63 -3.83
C ILE A 487 3.12 -16.13 -4.65
N PRO A 488 2.99 -14.96 -5.33
CA PRO A 488 4.13 -14.31 -5.97
C PRO A 488 5.10 -13.75 -4.93
N HIS A 489 6.33 -13.44 -5.38
CA HIS A 489 7.38 -13.02 -4.45
C HIS A 489 8.07 -11.77 -4.96
N ARG A 490 8.59 -10.99 -4.00
CA ARG A 490 9.38 -9.79 -4.29
C ARG A 490 10.83 -10.21 -4.51
N ALA A 491 11.47 -9.57 -5.50
CA ALA A 491 12.86 -9.87 -5.84
C ALA A 491 13.79 -9.21 -4.82
N ASN A 492 14.48 -10.06 -4.05
CA ASN A 492 15.43 -9.60 -3.04
C ASN A 492 16.78 -10.28 -3.27
N ALA A 493 17.82 -9.72 -2.64
CA ALA A 493 19.19 -10.17 -2.82
C ALA A 493 19.42 -11.50 -2.10
N ASP A 494 18.83 -11.65 -0.91
CA ASP A 494 19.04 -12.81 -0.08
C ASP A 494 17.83 -13.75 -0.14
N ALA A 495 17.16 -13.74 -1.30
CA ALA A 495 15.90 -14.46 -1.48
C ALA A 495 16.14 -15.96 -1.58
N GLY A 496 17.30 -16.35 -2.12
CA GLY A 496 17.67 -17.75 -2.26
C GLY A 496 17.35 -18.29 -3.65
N VAL A 497 16.11 -18.04 -4.10
CA VAL A 497 15.65 -18.46 -5.43
C VAL A 497 15.58 -17.24 -6.34
FE HEC B . -19.64 -8.15 23.74
CHA HEC B . -16.72 -6.61 23.92
CHB HEC B . -19.00 -9.17 20.50
CHC HEC B . -22.40 -10.32 23.79
CHD HEC B . -20.80 -6.67 26.53
NA HEC B . -18.18 -7.89 22.42
C1A HEC B . -16.98 -7.31 22.75
C2A HEC B . -16.06 -7.54 21.71
C3A HEC B . -16.70 -8.25 20.75
C4A HEC B . -18.02 -8.47 21.18
CMA HEC B . -16.10 -8.73 19.44
CAA HEC B . -14.62 -7.07 21.67
CBA HEC B . -13.78 -8.04 22.52
CGA HEC B . -12.31 -7.85 22.28
O1A HEC B . -11.82 -6.70 22.22
O2A HEC B . -11.57 -8.85 22.13
NB HEC B . -20.54 -9.50 22.39
C1B HEC B . -20.10 -9.74 21.14
C2B HEC B . -20.94 -10.70 20.51
C3B HEC B . -21.90 -11.04 21.41
C4B HEC B . -21.62 -10.25 22.63
CMB HEC B . -20.79 -11.24 19.11
CAB HEC B . -23.00 -12.00 21.22
CBB HEC B . -22.80 -13.31 21.36
NC HEC B . -21.32 -8.46 24.93
C1C HEC B . -22.31 -9.40 24.82
C2C HEC B . -23.21 -9.26 25.90
C3C HEC B . -22.74 -8.21 26.68
C4C HEC B . -21.56 -7.72 26.06
CMC HEC B . -24.44 -10.10 26.14
CAC HEC B . -23.37 -7.71 27.92
CBC HEC B . -23.17 -8.33 29.07
ND HEC B . -18.92 -6.91 24.95
C1D HEC B . -19.52 -6.40 26.04
C2D HEC B . -18.62 -5.47 26.71
C3D HEC B . -17.47 -5.45 25.99
C4D HEC B . -17.69 -6.38 24.87
CMD HEC B . -18.90 -4.68 27.98
CAD HEC B . -16.23 -4.64 26.25
CBD HEC B . -15.36 -5.27 27.35
CGD HEC B . -14.70 -6.53 26.86
O1D HEC B . -15.01 -7.62 27.38
O2D HEC B . -13.83 -6.48 25.95
FE HEC C . -18.28 -6.63 14.02
CHA HEC C . -15.15 -5.57 14.02
CHB HEC C . -18.54 -6.06 17.42
CHC HEC C . -21.76 -7.00 13.89
CHD HEC C . -18.03 -8.05 11.00
NA HEC C . -17.09 -5.97 15.47
C1A HEC C . -15.80 -5.54 15.23
C2A HEC C . -15.26 -5.02 16.44
C3A HEC C . -16.22 -5.16 17.39
C4A HEC C . -17.36 -5.74 16.79
CMA HEC C . -16.09 -4.76 18.85
CAA HEC C . -13.88 -4.45 16.63
CBA HEC C . -13.68 -3.14 15.86
CGA HEC C . -14.02 -1.95 16.74
O1A HEC C . -13.28 -1.65 17.69
O2A HEC C . -15.05 -1.28 16.51
NB HEC C . -19.87 -6.54 15.41
C1B HEC C . -19.73 -6.30 16.72
C2B HEC C . -21.01 -6.32 17.35
C3B HEC C . -21.93 -6.58 16.38
C4B HEC C . -21.16 -6.73 15.12
CMB HEC C . -21.29 -6.09 18.82
CAB HEC C . -23.39 -6.70 16.54
CBB HEC C . -24.18 -5.67 16.22
NC HEC C . -19.68 -7.35 12.65
C1C HEC C . -21.03 -7.51 12.82
C2C HEC C . -21.54 -8.25 11.74
C3C HEC C . -20.47 -8.55 10.91
C4C HEC C . -19.31 -7.98 11.50
CMC HEC C . -22.99 -8.64 11.55
CAC HEC C . -20.60 -9.34 9.65
CBC HEC C . -19.73 -10.28 9.29
ND HEC C . -16.90 -6.77 12.78
C1D HEC C . -16.94 -7.39 11.59
C2D HEC C . -15.64 -7.27 10.91
C3D HEC C . -14.84 -6.58 11.76
C4D HEC C . -15.66 -6.28 12.93
CMD HEC C . -15.27 -7.82 9.55
CAD HEC C . -13.39 -6.18 11.56
CBD HEC C . -12.47 -7.38 11.79
CGD HEC C . -11.05 -6.95 12.11
O1D HEC C . -10.10 -7.46 11.49
O2D HEC C . -10.83 -6.09 13.01
FE HEC D . -22.94 -9.81 3.67
CHA HEC D . -25.44 -8.08 2.39
CHB HEC D . -20.63 -7.61 2.39
CHC HEC D . -20.50 -11.00 5.88
CHD HEC D . -24.81 -12.51 4.28
NA HEC D . -23.00 -8.18 2.56
C1A HEC D . -24.17 -7.58 2.19
C2A HEC D . -23.86 -6.35 1.56
C3A HEC D . -22.51 -6.21 1.55
C4A HEC D . -21.97 -7.36 2.17
CMA HEC D . -21.71 -5.06 0.99
CAA HEC D . -24.86 -5.36 0.99
CBA HEC D . -25.32 -4.40 2.10
CGA HEC D . -26.06 -3.21 1.53
O1A HEC D . -25.75 -2.06 1.92
O2A HEC D . -26.97 -3.35 0.69
NB HEC D . -20.92 -9.38 4.06
C1B HEC D . -20.21 -8.45 3.43
C2B HEC D . -18.88 -8.42 3.94
C3B HEC D . -18.81 -9.37 4.92
C4B HEC D . -20.15 -9.98 4.99
CMB HEC D . -17.77 -7.50 3.48
CAB HEC D . -17.64 -9.70 5.75
CBB HEC D . -17.39 -9.02 6.86
NC HEC D . -22.69 -11.47 4.90
C1C HEC D . -21.63 -11.79 5.69
C2C HEC D . -21.86 -13.06 6.27
C3C HEC D . -23.11 -13.50 5.81
C4C HEC D . -23.61 -12.48 4.94
CMC HEC D . -20.93 -13.78 7.21
CAC HEC D . -23.81 -14.77 6.12
CBC HEC D . -23.19 -15.94 6.18
ND HEC D . -24.74 -10.22 3.39
C1D HEC D . -25.37 -11.37 3.70
C2D HEC D . -26.79 -11.27 3.32
C3D HEC D . -26.96 -10.04 2.79
C4D HEC D . -25.65 -9.38 2.85
CMD HEC D . -27.84 -12.34 3.49
CAD HEC D . -28.25 -9.46 2.27
CBD HEC D . -28.36 -9.71 0.76
CGD HEC D . -29.34 -8.74 0.15
O1D HEC D . -29.04 -7.54 0.01
O2D HEC D . -30.46 -9.15 -0.22
FE HEC E . 2.48 1.04 0.75
CHA HEC E . 2.86 1.79 -2.46
CHB HEC E . 5.09 -1.03 0.72
CHC HEC E . 3.52 2.65 3.57
CHD HEC E . -0.20 2.98 0.84
NA HEC E . 3.63 0.36 -0.60
C1A HEC E . 4.03 1.21 -1.76
C2A HEC E . 4.89 0.24 -2.58
C3A HEC E . 4.96 -0.93 -1.88
C4A HEC E . 4.48 -0.66 -0.51
CMA HEC E . 5.06 -2.31 -2.42
CAA HEC E . 5.98 0.93 -3.35
CBA HEC E . 6.20 0.46 -4.78
CGA HEC E . 6.20 -0.84 -5.56
O1A HEC E . 7.37 -1.19 -5.57
O2A HEC E . 5.16 -1.61 -5.75
NB HEC E . 3.84 0.64 1.99
C1B HEC E . 4.63 -0.48 1.92
C2B HEC E . 5.10 -0.71 3.29
C3B HEC E . 5.10 0.52 3.91
C4B HEC E . 4.45 1.54 2.96
CMB HEC E . 5.08 -2.03 3.96
CAB HEC E . 5.83 0.89 5.15
CBB HEC E . 7.34 0.78 5.03
NC HEC E . 1.58 1.95 2.17
C1C HEC E . 2.08 2.58 3.20
C2C HEC E . 0.98 3.06 4.10
C3C HEC E . -0.18 2.97 3.39
C4C HEC E . 0.12 2.26 2.09
CMC HEC E . 1.17 3.23 5.56
CAC HEC E . -1.58 3.04 3.90
CBC HEC E . -2.03 4.45 4.21
ND HEC E . 1.21 1.54 -0.59
C1D HEC E . 0.13 2.43 -0.37
C2D HEC E . -0.54 2.59 -1.64
C3D HEC E . 0.42 2.34 -2.61
C4D HEC E . 1.58 1.76 -1.95
CMD HEC E . -2.00 2.49 -1.85
CAD HEC E . 0.42 2.80 -4.04
CBD HEC E . 0.30 1.60 -4.97
CGD HEC E . 0.52 1.97 -6.50
O1D HEC E . 1.39 2.87 -6.76
O2D HEC E . 0.05 1.22 -7.36
FE HEC F . -17.08 -5.25 -1.75
CHA HEC F . -19.79 -4.27 -3.42
CHB HEC F . -18.76 -8.05 -0.60
CHC HEC F . -14.10 -6.64 -0.42
CHD HEC F . -15.33 -2.55 -2.70
NA HEC F . -18.90 -6.02 -1.93
C1A HEC F . -19.88 -5.44 -2.71
C2A HEC F . -21.03 -6.26 -2.67
C3A HEC F . -20.75 -7.34 -1.88
C4A HEC F . -19.43 -7.17 -1.43
CMA HEC F . -21.68 -8.48 -1.54
CAA HEC F . -22.33 -5.99 -3.39
CBA HEC F . -22.33 -6.66 -4.77
CGA HEC F . -23.73 -6.89 -5.27
O1A HEC F . -24.72 -6.68 -4.53
O2A HEC F . -23.91 -7.32 -6.43
NB HEC F . -16.53 -7.01 -0.71
C1B HEC F . -17.39 -7.99 -0.37
C2B HEC F . -16.70 -9.03 0.32
C3B HEC F . -15.39 -8.67 0.39
C4B HEC F . -15.30 -7.35 -0.29
CMB HEC F . -17.31 -10.30 0.86
CAB HEC F . -14.33 -9.49 1.01
CBB HEC F . -13.21 -8.98 1.52
NC HEC F . -15.07 -4.70 -1.57
C1C HEC F . -14.02 -5.38 -1.01
C2C HEC F . -12.84 -4.61 -1.13
C3C HEC F . -13.20 -3.43 -1.78
C4C HEC F . -14.60 -3.51 -2.06
CMC HEC F . -11.48 -5.02 -0.63
CAC HEC F . -12.31 -2.30 -2.16
CBC HEC F . -11.48 -1.75 -1.29
ND HEC F . -17.46 -3.76 -2.81
C1D HEC F . -16.65 -2.75 -3.11
C2D HEC F . -17.32 -1.78 -3.98
C3D HEC F . -18.56 -2.26 -4.18
C4D HEC F . -18.63 -3.52 -3.43
CMD HEC F . -16.74 -0.49 -4.54
CAD HEC F . -19.66 -1.62 -5.01
CBD HEC F . -19.59 -2.19 -6.43
CGD HEC F . -20.52 -1.44 -7.35
O1D HEC F . -20.16 -0.36 -7.86
O2D HEC F . -21.66 -1.89 -7.59
FE HEC G . -5.81 -0.20 -3.58
CHA HEC G . -3.27 -1.87 -4.83
CHB HEC G . -6.89 0.74 -6.71
CHC HEC G . -8.97 0.60 -2.30
CHD HEC G . -4.54 -0.11 -0.49
NA HEC G . -5.18 -0.46 -5.44
C1A HEC G . -4.13 -1.29 -5.74
C2A HEC G . -4.08 -1.44 -7.15
C3A HEC G . -5.10 -0.72 -7.68
C4A HEC G . -5.78 -0.10 -6.61
CMA HEC G . -5.44 -0.58 -9.15
CAA HEC G . -3.09 -2.29 -7.92
CBA HEC G . -1.81 -1.50 -8.23
CGA HEC G . -0.96 -2.29 -9.19
O1A HEC G . -0.66 -3.48 -8.95
O2A HEC G . -0.54 -1.75 -10.24
NB HEC G . -7.62 0.53 -4.36
C1B HEC G . -7.81 0.84 -5.66
C2B HEC G . -9.15 1.31 -5.83
C3B HEC G . -9.75 1.29 -4.61
C4B HEC G . -8.73 0.78 -3.66
CMB HEC G . -9.77 1.75 -7.13
CAB HEC G . -11.14 1.68 -4.29
CBB HEC G . -12.14 0.81 -4.45
NC HEC G . -6.65 0.19 -1.71
C1C HEC G . -7.94 0.48 -1.38
C2C HEC G . -8.03 0.63 0.02
C3C HEC G . -6.75 0.42 0.54
C4C HEC G . -5.89 0.15 -0.57
CMC HEC G . -9.27 0.94 0.80
CAC HEC G . -6.35 0.49 1.96
CBC HEC G . -6.70 -0.48 2.81
ND HEC G . -4.24 -0.84 -2.82
C1D HEC G . -3.86 -0.72 -1.54
C2D HEC G . -2.56 -1.38 -1.34
C3D HEC G . -2.20 -1.87 -2.55
C4D HEC G . -3.28 -1.53 -3.48
CMD HEC G . -1.80 -1.46 -0.04
CAD HEC G . -0.94 -2.64 -2.86
CBD HEC G . 0.21 -1.69 -3.21
CGD HEC G . 1.36 -2.49 -3.78
O1D HEC G . 1.93 -3.35 -3.08
O2D HEC G . 1.72 -2.31 -4.96
FE HEC H . -6.58 5.06 -11.52
CHA HEC H . -3.68 4.08 -12.71
CHB HEC H . -5.81 3.98 -8.36
CHC HEC H . -9.01 7.19 -10.17
CHD HEC H . -8.03 5.27 -14.51
NA HEC H . -5.04 4.19 -10.66
C1A HEC H . -3.90 3.86 -11.37
C2A HEC H . -3.00 3.26 -10.46
C3A HEC H . -3.59 3.22 -9.24
C4A HEC H . -4.87 3.81 -9.36
CMA HEC H . -3.00 2.67 -7.95
CAA HEC H . -1.62 2.74 -10.81
CBA HEC H . -1.70 1.22 -11.05
CGA HEC H . -0.74 0.80 -12.13
O1A HEC H . 0.49 0.79 -11.92
O2A HEC H . -1.19 0.45 -13.25
NB HEC H . -7.29 5.51 -9.59
C1B HEC H . -6.82 4.95 -8.47
C2B HEC H . -7.52 5.49 -7.35
C3B HEC H . -8.42 6.40 -7.84
C4B HEC H . -8.25 6.39 -9.30
CMB HEC H . -7.31 5.14 -5.90
CAB HEC H . -9.38 7.21 -7.06
CBB HEC H . -8.97 8.35 -6.49
NC HEC H . -8.25 6.10 -12.22
C1C HEC H . -9.14 6.86 -11.52
C2C HEC H . -10.19 7.24 -12.37
C3C HEC H . -9.92 6.69 -13.62
C4C HEC H . -8.69 5.98 -13.51
CMC HEC H . -11.39 8.08 -12.00
CAC HEC H . -10.78 6.84 -14.83
CBC HEC H . -11.28 5.81 -15.49
ND HEC H . -5.98 4.74 -13.26
C1D HEC H . -6.69 4.88 -14.38
C2D HEC H . -5.84 4.54 -15.53
C3D HEC H . -4.63 4.20 -15.03
C4D HEC H . -4.74 4.35 -13.57
CMD HEC H . -6.25 4.56 -16.99
CAD HEC H . -3.41 3.78 -15.81
CBD HEC H . -3.42 2.26 -16.05
CGD HEC H . -2.50 1.94 -17.20
O1D HEC H . -1.36 1.50 -16.99
O2D HEC H . -2.89 2.13 -18.39
FE HEC I . -13.30 11.88 -18.62
CHA HEC I . -13.32 15.17 -18.58
CHB HEC I . -10.29 11.84 -20.31
CHC HEC I . -12.94 8.44 -18.04
CHD HEC I . -16.54 11.65 -17.75
NA HEC I . -12.06 13.23 -19.40
C1A HEC I . -12.20 14.56 -19.10
C2A HEC I . -11.00 15.23 -19.43
C3A HEC I . -10.14 14.30 -19.92
C4A HEC I . -10.81 13.05 -19.90
CMA HEC I . -8.74 14.56 -20.40
CAA HEC I . -10.74 16.71 -19.26
CBA HEC I . -11.45 17.51 -20.35
CGA HEC I . -10.46 17.93 -21.41
O1A HEC I . -9.36 18.43 -21.06
O2A HEC I . -10.73 17.80 -22.61
NB HEC I . -11.87 10.40 -19.09
C1B HEC I . -10.74 10.62 -19.79
C2B HEC I . -10.02 9.41 -19.93
C3B HEC I . -10.73 8.44 -19.30
C4B HEC I . -11.94 9.11 -18.76
CMB HEC I . -8.69 9.25 -20.64
CAB HEC I . -10.38 7.00 -19.17
CBB HEC I . -9.43 6.60 -18.35
NC HEC I . -14.51 10.30 -17.97
C1C HEC I . -14.20 8.98 -17.85
C2C HEC I . -15.36 8.26 -17.52
C3C HEC I . -16.41 9.19 -17.44
C4C HEC I . -15.84 10.46 -17.73
CMC HEC I . -15.45 6.77 -17.30
CAC HEC I . -17.83 8.93 -17.11
CBC HEC I . -18.52 7.92 -17.63
ND HEC I . -14.63 13.13 -18.25
C1D HEC I . -15.91 12.88 -17.92
C2D HEC I . -16.63 14.15 -17.73
C3D HEC I . -15.74 15.14 -17.95
C4D HEC I . -14.47 14.46 -18.29
CMD HEC I . -18.08 14.32 -17.35
CAD HEC I . -15.97 16.62 -17.89
CBD HEC I . -16.00 17.19 -19.31
CGD HEC I . -15.15 18.45 -19.44
O1D HEC I . -14.20 18.66 -18.66
O2D HEC I . -15.41 19.28 -20.33
S SO4 J . -0.77 -17.49 3.99
O1 SO4 J . 0.64 -17.68 3.85
O2 SO4 J . -1.05 -16.12 4.32
O3 SO4 J . -1.42 -17.81 2.74
O4 SO4 J . -1.28 -18.34 5.02
S SO4 K . 23.82 23.98 1.02
O1 SO4 K . 25.01 23.25 0.69
O2 SO4 K . 23.98 25.35 0.61
O3 SO4 K . 23.60 23.91 2.43
O4 SO4 K . 22.70 23.40 0.33
#